data_9EZ9
#
_entry.id   9EZ9
#
_cell.length_a   91.071
_cell.length_b   91.071
_cell.length_c   123.441
_cell.angle_alpha   90.00
_cell.angle_beta   90.00
_cell.angle_gamma   120.00
#
_symmetry.space_group_name_H-M   'P 32 2 1'
#
loop_
_entity.id
_entity.type
_entity.pdbx_description
1 polymer 'Dihydroorotate dehydrogenase (quinone), mitochondrial'
2 non-polymer 'OROTIC ACID'
3 non-polymer 'FLAVIN MONONUCLEOTIDE'
4 non-polymer 'HEXAETHYLENE GLYCOL'
5 non-polymer N-[4-[3-[2,2-bis(fluoranyl)propoxy]phenyl]-2,3,5,6-tetrakis(fluoranyl)phenyl]-2-oxidanyl-pyrazolo[1,5-a]pyridine-3-carboxamide
6 non-polymer 'SULFATE ION'
7 water water
#
_entity_poly.entity_id   1
_entity_poly.type   'polypeptide(L)'
_entity_poly.pdbx_seq_one_letter_code
;MGHHHHHHHHHHSSGHIDDDDKHMATGDERFYAEHLMPTLQGLLDPESAHRLAVRFTSLGLLPRARFQDSDMLEVRVLGH
KFRNPVGIAAGFDKHGEAVDGLYKMGFGFVEIGSVTPKPQEGNPRPRVFRLPEDQAVINRYGFNSHGLSVVEHRLRARQQ
KQAKLTEDGLPLGVNLGKNKTSVDAAEDYAEGVRVLGPLADYLVVNVSSPNTAGLRSLQGKAELRRLLTKVLQERDGLRR
VHRPAVLVKIAPDLTSQDKEDIASVVKELGIDGLIVTNTTVSRPAGLQGALRSETGGLSGKPLRDLSTQTIREMYALTQG
RVPIIGVGGVSSGQDALEKIRAGASLVQLYTALTFWGPPVVGKVKRELEALLKEQGFGGVTDAIGADHRR
;
_entity_poly.pdbx_strand_id   A
#
loop_
_chem_comp.id
_chem_comp.type
_chem_comp.name
_chem_comp.formula
A1H8I non-polymer N-[4-[3-[2,2-bis(fluoranyl)propoxy]phenyl]-2,3,5,6-tetrakis(fluoranyl)phenyl]-2-oxidanyl-pyrazolo[1,5-a]pyridine-3-carboxamide 'C23 H15 F6 N3 O3'
FMN non-polymer 'FLAVIN MONONUCLEOTIDE' 'C17 H21 N4 O9 P'
ORO non-polymer 'OROTIC ACID' 'C5 H4 N2 O4'
P6G non-polymer 'HEXAETHYLENE GLYCOL' 'C12 H26 O7'
SO4 non-polymer 'SULFATE ION' 'O4 S -2'
#
# COMPACT_ATOMS: atom_id res chain seq x y z
N ALA A 25 9.20 -10.00 -21.65
CA ALA A 25 7.87 -9.43 -21.85
C ALA A 25 6.91 -10.43 -22.51
N THR A 26 6.02 -11.03 -21.72
CA THR A 26 5.21 -12.15 -22.18
C THR A 26 4.18 -11.69 -23.23
N GLY A 27 3.38 -12.66 -23.70
CA GLY A 27 2.30 -12.38 -24.63
C GLY A 27 1.12 -11.82 -23.89
N ASP A 28 0.83 -12.37 -22.71
CA ASP A 28 -0.16 -11.76 -21.83
C ASP A 28 0.18 -10.30 -21.57
N GLU A 29 1.44 -10.02 -21.21
CA GLU A 29 1.89 -8.67 -20.92
C GLU A 29 1.55 -7.71 -22.04
N ARG A 30 2.08 -7.98 -23.24
CA ARG A 30 1.85 -7.07 -24.35
C ARG A 30 0.38 -7.08 -24.77
N PHE A 31 -0.30 -8.22 -24.65
CA PHE A 31 -1.72 -8.24 -25.02
C PHE A 31 -2.55 -7.39 -24.08
N TYR A 32 -2.33 -7.54 -22.76
CA TYR A 32 -3.13 -6.78 -21.80
C TYR A 32 -2.85 -5.30 -21.90
N ALA A 33 -1.58 -4.94 -22.10
CA ALA A 33 -1.21 -3.53 -22.15
C ALA A 33 -1.67 -2.85 -23.45
N GLU A 34 -1.38 -3.46 -24.62
CA GLU A 34 -1.72 -2.80 -25.89
C GLU A 34 -3.19 -2.96 -26.31
N HIS A 35 -3.93 -3.94 -25.76
CA HIS A 35 -5.28 -4.21 -26.26
C HIS A 35 -6.36 -4.31 -25.18
N LEU A 36 -6.25 -5.29 -24.27
CA LEU A 36 -7.31 -5.47 -23.28
C LEU A 36 -7.52 -4.18 -22.49
N MET A 37 -6.49 -3.73 -21.77
CA MET A 37 -6.62 -2.56 -20.90
C MET A 37 -7.12 -1.30 -21.61
N PRO A 38 -6.53 -0.84 -22.72
CA PRO A 38 -7.04 0.42 -23.32
C PRO A 38 -8.48 0.31 -23.79
N THR A 39 -8.95 -0.89 -24.10
CA THR A 39 -10.34 -1.05 -24.51
C THR A 39 -11.27 -0.92 -23.32
N LEU A 40 -10.94 -1.57 -22.20
CA LEU A 40 -11.75 -1.43 -20.99
C LEU A 40 -11.76 0.00 -20.53
N GLN A 41 -10.61 0.67 -20.56
CA GLN A 41 -10.62 2.07 -20.18
C GLN A 41 -11.40 2.92 -21.18
N GLY A 42 -11.51 2.46 -22.42
CA GLY A 42 -12.28 3.22 -23.40
C GLY A 42 -13.76 3.18 -23.15
N LEU A 43 -14.27 2.04 -22.65
CA LEU A 43 -15.69 1.86 -22.36
C LEU A 43 -16.10 2.25 -20.94
N LEU A 44 -15.16 2.35 -20.00
CA LEU A 44 -15.53 2.38 -18.59
C LEU A 44 -14.88 3.53 -17.85
N ASP A 45 -15.68 4.30 -17.10
CA ASP A 45 -15.12 5.29 -16.18
C ASP A 45 -14.28 4.57 -15.13
N PRO A 46 -13.34 5.27 -14.47
CA PRO A 46 -12.41 4.55 -13.59
C PRO A 46 -13.10 3.86 -12.44
N GLU A 47 -14.10 4.47 -11.84
CA GLU A 47 -14.76 3.80 -10.73
C GLU A 47 -15.47 2.53 -11.21
N SER A 48 -16.12 2.58 -12.38
CA SER A 48 -16.69 1.36 -12.94
C SER A 48 -15.61 0.33 -13.18
N ALA A 49 -14.50 0.75 -13.80
CA ALA A 49 -13.43 -0.20 -14.08
C ALA A 49 -12.86 -0.79 -12.79
N HIS A 50 -12.76 0.02 -11.74
CA HIS A 50 -12.28 -0.51 -10.46
C HIS A 50 -13.22 -1.62 -9.94
N ARG A 51 -14.52 -1.37 -10.03
CA ARG A 51 -15.51 -2.32 -9.52
C ARG A 51 -15.41 -3.64 -10.27
N LEU A 52 -15.16 -3.58 -11.57
CA LEU A 52 -15.03 -4.80 -12.38
C LEU A 52 -13.74 -5.53 -12.10
N ALA A 53 -12.63 -4.80 -12.05
CA ALA A 53 -11.36 -5.38 -11.63
C ALA A 53 -11.50 -6.18 -10.36
N VAL A 54 -12.24 -5.64 -9.39
CA VAL A 54 -12.39 -6.35 -8.13
C VAL A 54 -13.19 -7.62 -8.37
N ARG A 55 -14.27 -7.54 -9.13
CA ARG A 55 -15.09 -8.74 -9.41
C ARG A 55 -14.25 -9.81 -10.09
N PHE A 56 -13.66 -9.48 -11.25
CA PHE A 56 -12.84 -10.46 -11.97
C PHE A 56 -11.87 -11.13 -11.01
N THR A 57 -11.15 -10.32 -10.25
CA THR A 57 -10.15 -10.82 -9.31
C THR A 57 -10.80 -11.72 -8.26
N SER A 58 -11.91 -11.26 -7.69
CA SER A 58 -12.59 -12.09 -6.69
C SER A 58 -12.98 -13.44 -7.29
N LEU A 59 -13.35 -13.46 -8.58
CA LEU A 59 -13.68 -14.72 -9.24
C LEU A 59 -12.45 -15.45 -9.77
N GLY A 60 -11.26 -14.86 -9.68
CA GLY A 60 -10.10 -15.54 -10.22
C GLY A 60 -10.02 -15.59 -11.74
N LEU A 61 -10.68 -14.67 -12.45
CA LEU A 61 -10.53 -14.54 -13.91
C LEU A 61 -9.23 -13.83 -14.25
N LEU A 62 -8.12 -14.56 -14.15
CA LEU A 62 -6.83 -13.89 -14.26
C LEU A 62 -5.90 -14.71 -15.13
N PRO A 63 -4.96 -14.05 -15.81
CA PRO A 63 -4.01 -14.79 -16.63
C PRO A 63 -3.04 -15.56 -15.75
N ARG A 64 -2.48 -16.62 -16.33
CA ARG A 64 -1.46 -17.40 -15.65
C ARG A 64 -0.30 -16.50 -15.23
N ALA A 65 0.11 -16.62 -13.97
CA ALA A 65 1.30 -15.91 -13.48
C ALA A 65 2.49 -16.83 -13.73
N ARG A 66 3.08 -16.74 -14.92
CA ARG A 66 4.13 -17.68 -15.29
C ARG A 66 5.51 -17.33 -14.70
N PHE A 67 5.58 -16.33 -13.81
CA PHE A 67 6.79 -16.07 -13.05
C PHE A 67 6.76 -16.89 -11.75
N GLN A 68 7.80 -17.69 -11.54
CA GLN A 68 7.96 -18.46 -10.30
C GLN A 68 8.93 -17.70 -9.41
N ASP A 69 8.48 -17.28 -8.23
CA ASP A 69 9.31 -16.44 -7.37
C ASP A 69 10.59 -17.18 -7.02
N SER A 70 11.70 -16.48 -7.06
CA SER A 70 13.00 -17.06 -6.77
C SER A 70 13.41 -16.75 -5.33
N ASP A 71 14.49 -17.39 -4.88
CA ASP A 71 14.96 -17.16 -3.52
C ASP A 71 15.46 -15.74 -3.32
N MET A 72 15.99 -15.11 -4.36
CA MET A 72 16.49 -13.75 -4.23
C MET A 72 15.42 -12.75 -3.82
N LEU A 73 14.14 -13.05 -4.05
CA LEU A 73 13.10 -12.10 -3.76
C LEU A 73 12.54 -12.27 -2.35
N GLU A 74 13.04 -13.24 -1.60
CA GLU A 74 12.54 -13.47 -0.26
C GLU A 74 13.01 -12.37 0.69
N VAL A 75 12.11 -11.92 1.56
CA VAL A 75 12.41 -10.92 2.55
C VAL A 75 11.85 -11.38 3.89
N ARG A 76 12.64 -11.23 4.93
CA ARG A 76 12.18 -11.50 6.30
C ARG A 76 12.18 -10.15 7.01
N VAL A 77 10.99 -9.63 7.27
CA VAL A 77 10.83 -8.34 7.92
C VAL A 77 9.50 -8.40 8.67
N LEU A 78 9.38 -7.58 9.72
CA LEU A 78 8.13 -7.45 10.50
C LEU A 78 7.75 -8.78 11.12
N GLY A 79 8.74 -9.61 11.45
CA GLY A 79 8.47 -10.92 12.02
C GLY A 79 7.73 -11.83 11.05
N HIS A 80 8.06 -11.77 9.75
CA HIS A 80 7.34 -12.54 8.74
C HIS A 80 8.22 -12.76 7.52
N LYS A 81 7.96 -13.87 6.84
CA LYS A 81 8.49 -14.11 5.51
C LYS A 81 7.61 -13.44 4.49
N PHE A 82 8.24 -12.79 3.51
CA PHE A 82 7.57 -12.38 2.28
C PHE A 82 8.28 -13.09 1.14
N ARG A 83 7.54 -13.90 0.35
CA ARG A 83 8.21 -14.65 -0.71
C ARG A 83 8.56 -13.79 -1.93
N ASN A 84 8.00 -12.57 -2.05
CA ASN A 84 8.54 -11.53 -2.91
C ASN A 84 8.17 -10.19 -2.29
N PRO A 85 8.84 -9.11 -2.68
CA PRO A 85 8.57 -7.82 -2.01
C PRO A 85 7.53 -6.95 -2.70
N VAL A 86 6.82 -7.46 -3.69
CA VAL A 86 5.88 -6.67 -4.49
C VAL A 86 4.48 -6.93 -3.98
N GLY A 87 3.83 -5.89 -3.44
CA GLY A 87 2.50 -6.00 -2.89
C GLY A 87 1.55 -5.05 -3.61
N ILE A 88 0.26 -5.30 -3.41
CA ILE A 88 -0.79 -4.40 -3.89
C ILE A 88 -1.10 -3.42 -2.77
N ALA A 89 -1.02 -2.13 -3.06
CA ALA A 89 -1.28 -1.14 -2.04
C ALA A 89 -2.74 -1.11 -1.62
N ALA A 90 -2.97 -0.58 -0.43
CA ALA A 90 -4.33 -0.32 0.03
C ALA A 90 -5.07 0.55 -0.98
N GLY A 91 -6.40 0.41 -1.01
CA GLY A 91 -7.25 1.20 -1.88
C GLY A 91 -7.82 0.42 -3.05
N PHE A 92 -7.20 -0.68 -3.44
CA PHE A 92 -7.75 -1.46 -4.52
C PHE A 92 -8.83 -2.38 -4.00
N ASP A 93 -8.48 -3.27 -3.06
CA ASP A 93 -9.44 -4.09 -2.33
C ASP A 93 -9.79 -3.42 -1.00
N LYS A 94 -10.72 -2.45 -1.06
CA LYS A 94 -11.01 -1.71 0.16
C LYS A 94 -11.72 -2.57 1.19
N HIS A 95 -12.56 -3.51 0.75
CA HIS A 95 -13.47 -4.22 1.65
C HIS A 95 -13.13 -5.68 1.90
N GLY A 96 -11.97 -6.18 1.44
CA GLY A 96 -11.59 -7.58 1.63
C GLY A 96 -12.21 -8.60 0.67
N GLU A 97 -12.69 -8.18 -0.49
CA GLU A 97 -13.47 -9.06 -1.35
C GLU A 97 -12.63 -9.91 -2.31
N ALA A 98 -11.34 -9.61 -2.48
CA ALA A 98 -10.57 -10.27 -3.54
C ALA A 98 -9.15 -10.62 -3.08
N VAL A 99 -8.96 -10.92 -1.80
CA VAL A 99 -7.61 -11.19 -1.28
C VAL A 99 -6.98 -12.40 -1.97
N ASP A 100 -7.71 -13.49 -2.14
CA ASP A 100 -7.08 -14.67 -2.70
C ASP A 100 -6.74 -14.48 -4.17
N GLY A 101 -7.59 -13.77 -4.89
CA GLY A 101 -7.32 -13.48 -6.28
C GLY A 101 -6.15 -12.56 -6.49
N LEU A 102 -5.78 -11.81 -5.44
CA LEU A 102 -4.62 -10.94 -5.53
C LEU A 102 -3.32 -11.68 -5.28
N TYR A 103 -3.31 -12.65 -4.36
CA TYR A 103 -2.17 -13.56 -4.28
C TYR A 103 -2.01 -14.36 -5.57
N LYS A 104 -3.13 -14.78 -6.16
CA LYS A 104 -3.02 -15.56 -7.39
C LYS A 104 -2.48 -14.69 -8.52
N MET A 105 -2.73 -13.37 -8.43
CA MET A 105 -2.11 -12.43 -9.37
C MET A 105 -0.60 -12.46 -9.26
N GLY A 106 -0.07 -12.81 -8.10
CA GLY A 106 1.38 -12.95 -7.95
C GLY A 106 2.00 -11.99 -6.95
N PHE A 107 1.21 -11.20 -6.25
CA PHE A 107 1.75 -10.35 -5.20
C PHE A 107 2.32 -11.19 -4.07
N GLY A 108 3.41 -10.70 -3.47
CA GLY A 108 3.94 -11.32 -2.26
C GLY A 108 3.21 -10.97 -0.98
N PHE A 109 2.52 -9.83 -0.94
CA PHE A 109 1.64 -9.53 0.19
C PHE A 109 0.46 -8.68 -0.28
N VAL A 110 -0.57 -8.64 0.56
CA VAL A 110 -1.81 -7.96 0.23
C VAL A 110 -2.18 -7.08 1.39
N GLU A 111 -2.63 -5.87 1.07
CA GLU A 111 -3.08 -4.93 2.08
C GLU A 111 -4.48 -4.50 1.68
N ILE A 112 -5.45 -4.67 2.58
CA ILE A 112 -6.84 -4.33 2.31
C ILE A 112 -7.16 -3.05 3.08
N GLY A 113 -8.24 -2.39 2.66
CA GLY A 113 -8.62 -1.15 3.29
C GLY A 113 -8.36 0.05 2.38
N SER A 114 -8.61 1.24 2.91
CA SER A 114 -8.87 1.55 4.32
C SER A 114 -10.24 1.12 4.80
N VAL A 115 -10.32 0.69 6.05
CA VAL A 115 -11.56 0.28 6.70
C VAL A 115 -11.83 1.29 7.82
N THR A 116 -13.08 1.78 7.89
CA THR A 116 -13.49 2.74 8.90
C THR A 116 -14.38 2.01 9.89
N PRO A 117 -14.52 2.48 11.13
CA PRO A 117 -15.28 1.66 12.11
C PRO A 117 -16.70 1.38 11.65
N LYS A 118 -17.49 2.42 11.39
CA LYS A 118 -18.85 2.40 10.89
C LYS A 118 -18.84 2.41 9.36
N PRO A 119 -19.83 1.78 8.69
CA PRO A 119 -19.92 1.92 7.22
C PRO A 119 -20.14 3.37 6.81
N GLN A 120 -19.57 3.75 5.67
CA GLN A 120 -19.80 5.09 5.19
C GLN A 120 -19.65 5.13 3.69
N GLU A 121 -20.27 6.12 3.08
CA GLU A 121 -20.54 6.10 1.66
C GLU A 121 -19.40 6.71 0.84
N GLY A 122 -18.68 7.68 1.41
CA GLY A 122 -17.66 8.38 0.65
C GLY A 122 -18.23 9.54 -0.13
N ASN A 123 -17.35 10.18 -0.90
CA ASN A 123 -17.69 11.41 -1.60
C ASN A 123 -18.67 11.16 -2.72
N PRO A 124 -19.49 12.15 -3.04
CA PRO A 124 -20.36 12.05 -4.21
C PRO A 124 -19.53 11.78 -5.47
N ARG A 125 -20.08 10.94 -6.36
CA ARG A 125 -19.50 10.70 -7.68
C ARG A 125 -19.63 11.95 -8.59
N PRO A 126 -18.75 12.08 -9.63
CA PRO A 126 -17.56 11.28 -9.94
C PRO A 126 -16.46 11.60 -8.93
N ARG A 127 -15.67 10.58 -8.56
CA ARG A 127 -14.67 10.79 -7.52
C ARG A 127 -13.34 10.16 -7.88
N VAL A 128 -13.17 9.71 -9.13
CA VAL A 128 -11.94 9.11 -9.64
C VAL A 128 -11.76 9.60 -11.07
N PHE A 129 -10.51 9.89 -11.45
CA PHE A 129 -10.18 10.54 -12.72
C PHE A 129 -8.84 10.04 -13.20
N ARG A 130 -8.79 9.67 -14.49
CA ARG A 130 -7.54 9.24 -15.13
C ARG A 130 -6.81 10.42 -15.74
N LEU A 131 -5.47 10.40 -15.64
CA LEU A 131 -4.58 11.30 -16.39
C LEU A 131 -3.69 10.39 -17.21
N PRO A 132 -4.19 9.89 -18.34
CA PRO A 132 -3.41 8.90 -19.11
C PRO A 132 -2.10 9.45 -19.68
N GLU A 133 -2.01 10.74 -20.01
CA GLU A 133 -0.75 11.28 -20.50
C GLU A 133 0.32 11.34 -19.41
N ASP A 134 -0.05 11.19 -18.14
CA ASP A 134 0.89 11.29 -17.07
C ASP A 134 1.16 9.96 -16.38
N GLN A 135 0.56 8.87 -16.85
CA GLN A 135 0.43 7.61 -16.12
C GLN A 135 0.03 7.88 -14.66
N ALA A 136 -1.10 8.58 -14.52
CA ALA A 136 -1.49 9.14 -13.24
C ALA A 136 -3.00 9.00 -13.06
N VAL A 137 -3.38 9.07 -11.79
CA VAL A 137 -4.77 9.00 -11.37
C VAL A 137 -4.94 10.04 -10.27
N ILE A 138 -6.12 10.64 -10.21
CA ILE A 138 -6.53 11.47 -9.08
C ILE A 138 -7.81 10.87 -8.54
N ASN A 139 -7.88 10.72 -7.21
CA ASN A 139 -9.08 10.19 -6.59
C ASN A 139 -9.45 10.99 -5.35
N ARG A 140 -10.76 11.05 -5.07
CA ARG A 140 -11.28 11.58 -3.81
C ARG A 140 -12.43 10.70 -3.35
N TYR A 141 -12.17 9.39 -3.19
CA TYR A 141 -13.21 8.47 -2.73
C TYR A 141 -13.79 8.92 -1.39
N GLY A 142 -12.94 9.41 -0.50
CA GLY A 142 -13.40 9.84 0.81
C GLY A 142 -13.76 8.69 1.72
N PHE A 143 -12.98 7.61 1.68
CA PHE A 143 -13.10 6.48 2.62
C PHE A 143 -14.47 5.80 2.50
N ASN A 144 -14.83 5.37 1.30
CA ASN A 144 -16.01 4.51 1.18
C ASN A 144 -15.67 3.16 1.77
N SER A 145 -16.45 2.73 2.74
CA SER A 145 -16.10 1.51 3.46
C SER A 145 -17.36 0.83 3.92
N HIS A 146 -17.35 -0.50 3.73
CA HIS A 146 -18.30 -1.43 4.32
C HIS A 146 -18.25 -1.48 5.85
N GLY A 147 -17.17 -1.01 6.49
CA GLY A 147 -17.16 -0.98 7.94
C GLY A 147 -16.44 -2.18 8.55
N LEU A 148 -16.03 -2.00 9.82
CA LEU A 148 -15.23 -3.02 10.52
C LEU A 148 -15.95 -4.36 10.56
N SER A 149 -17.26 -4.34 10.87
N SER A 149 -17.25 -4.34 10.90
CA SER A 149 -17.99 -5.58 11.13
CA SER A 149 -17.99 -5.58 11.12
C SER A 149 -18.09 -6.44 9.88
C SER A 149 -18.03 -6.43 9.85
N VAL A 150 -18.48 -5.84 8.75
CA VAL A 150 -18.59 -6.61 7.50
C VAL A 150 -17.23 -7.16 7.09
N VAL A 151 -16.16 -6.37 7.21
CA VAL A 151 -14.85 -6.85 6.81
C VAL A 151 -14.36 -7.92 7.77
N GLU A 152 -14.68 -7.77 9.06
CA GLU A 152 -14.29 -8.78 10.03
C GLU A 152 -14.86 -10.13 9.68
N HIS A 153 -16.15 -10.17 9.31
CA HIS A 153 -16.79 -11.44 8.98
C HIS A 153 -16.28 -11.97 7.66
N ARG A 154 -15.98 -11.07 6.71
CA ARG A 154 -15.31 -11.47 5.49
C ARG A 154 -14.00 -12.18 5.77
N LEU A 155 -13.15 -11.56 6.58
CA LEU A 155 -11.85 -12.16 6.84
C LEU A 155 -11.95 -13.38 7.73
N ARG A 156 -12.97 -13.46 8.61
CA ARG A 156 -13.11 -14.65 9.43
C ARG A 156 -13.41 -15.88 8.58
N ALA A 157 -14.14 -15.69 7.48
CA ALA A 157 -14.48 -16.82 6.61
C ALA A 157 -13.25 -17.47 5.98
N ARG A 158 -12.11 -16.78 5.94
CA ARG A 158 -10.89 -17.34 5.38
C ARG A 158 -9.71 -17.24 6.36
N GLN A 159 -10.00 -17.08 7.65
CA GLN A 159 -8.95 -16.79 8.61
C GLN A 159 -7.89 -17.90 8.64
N GLN A 160 -8.31 -19.15 8.50
CA GLN A 160 -7.37 -20.26 8.62
C GLN A 160 -6.65 -20.53 7.31
N LYS A 161 -7.34 -20.37 6.18
CA LYS A 161 -6.64 -20.35 4.89
C LYS A 161 -5.53 -19.30 4.86
N GLN A 162 -5.75 -18.16 5.51
CA GLN A 162 -4.75 -17.11 5.57
C GLN A 162 -3.62 -17.44 6.53
N ALA A 163 -3.92 -18.14 7.61
CA ALA A 163 -2.85 -18.63 8.47
C ALA A 163 -1.87 -19.49 7.69
N LYS A 164 -2.38 -20.34 6.79
N LYS A 164 -2.39 -20.32 6.78
CA LYS A 164 -1.48 -21.14 5.97
CA LYS A 164 -1.49 -21.14 5.96
C LYS A 164 -0.72 -20.24 4.99
C LYS A 164 -0.73 -20.27 4.96
N LEU A 165 -1.43 -19.32 4.34
CA LEU A 165 -0.79 -18.41 3.39
C LEU A 165 0.35 -17.62 4.04
N THR A 166 0.11 -17.08 5.23
CA THR A 166 1.18 -16.40 5.93
C THR A 166 2.38 -17.31 6.13
N GLU A 167 2.16 -18.52 6.65
CA GLU A 167 3.25 -19.47 6.81
C GLU A 167 4.06 -19.65 5.53
N ASP A 168 3.41 -19.63 4.38
CA ASP A 168 4.07 -19.84 3.10
C ASP A 168 4.68 -18.55 2.53
N GLY A 169 4.75 -17.47 3.31
CA GLY A 169 5.35 -16.24 2.85
C GLY A 169 4.45 -15.26 2.11
N LEU A 170 3.12 -15.39 2.25
CA LEU A 170 2.12 -14.46 1.67
C LEU A 170 1.31 -13.79 2.78
N PRO A 171 1.83 -12.74 3.41
CA PRO A 171 1.12 -12.11 4.52
C PRO A 171 -0.01 -11.17 4.09
N LEU A 172 -0.80 -10.78 5.11
CA LEU A 172 -2.02 -9.97 4.98
C LEU A 172 -1.91 -8.76 5.88
N GLY A 173 -2.09 -7.57 5.30
CA GLY A 173 -2.10 -6.34 6.06
C GLY A 173 -3.45 -5.69 5.94
N VAL A 174 -3.86 -5.01 7.02
CA VAL A 174 -5.15 -4.33 7.08
C VAL A 174 -4.90 -2.88 7.40
N ASN A 175 -5.43 -1.99 6.55
CA ASN A 175 -5.23 -0.55 6.64
C ASN A 175 -6.45 0.11 7.31
N LEU A 176 -6.22 0.86 8.38
CA LEU A 176 -7.30 1.43 9.19
C LEU A 176 -7.50 2.92 8.91
N GLY A 177 -8.75 3.34 8.97
CA GLY A 177 -9.09 4.74 8.76
C GLY A 177 -10.14 5.16 9.77
N LYS A 178 -10.66 6.36 9.64
CA LYS A 178 -11.63 6.85 10.59
C LYS A 178 -12.81 7.43 9.82
N ASN A 179 -13.92 7.56 10.55
CA ASN A 179 -15.15 8.01 9.93
C ASN A 179 -15.16 9.53 9.73
N LYS A 180 -15.85 9.95 8.66
CA LYS A 180 -16.07 11.37 8.39
C LYS A 180 -16.59 12.08 9.64
N THR A 181 -17.69 11.58 10.18
CA THR A 181 -18.32 12.22 11.35
C THR A 181 -17.53 12.04 12.64
N SER A 182 -16.46 11.26 12.64
CA SER A 182 -15.89 10.79 13.90
C SER A 182 -15.29 11.94 14.72
N VAL A 183 -15.55 11.92 16.02
CA VAL A 183 -15.13 12.97 16.95
C VAL A 183 -13.74 12.73 17.54
N ASP A 184 -13.39 11.49 17.81
CA ASP A 184 -12.13 11.13 18.48
C ASP A 184 -11.35 10.18 17.58
N ALA A 185 -10.38 10.72 16.82
CA ALA A 185 -9.69 9.90 15.82
C ALA A 185 -9.12 8.64 16.46
N ALA A 186 -8.48 8.78 17.61
CA ALA A 186 -7.82 7.64 18.24
C ALA A 186 -8.80 6.54 18.63
N GLU A 187 -10.04 6.88 19.00
CA GLU A 187 -10.95 5.79 19.30
C GLU A 187 -11.38 5.02 18.06
N ASP A 188 -11.45 5.69 16.90
CA ASP A 188 -11.67 4.97 15.64
C ASP A 188 -10.55 3.98 15.36
N TYR A 189 -9.31 4.45 15.47
CA TYR A 189 -8.17 3.57 15.20
C TYR A 189 -8.09 2.42 16.21
N ALA A 190 -8.45 2.66 17.47
CA ALA A 190 -8.40 1.60 18.48
C ALA A 190 -9.45 0.53 18.22
N GLU A 191 -10.67 0.94 17.88
CA GLU A 191 -11.68 -0.04 17.47
C GLU A 191 -11.13 -0.94 16.38
N GLY A 192 -10.50 -0.34 15.37
CA GLY A 192 -9.98 -1.13 14.27
C GLY A 192 -8.91 -2.11 14.73
N VAL A 193 -8.08 -1.68 15.67
CA VAL A 193 -7.03 -2.57 16.17
C VAL A 193 -7.66 -3.75 16.88
N ARG A 194 -8.74 -3.50 17.63
CA ARG A 194 -9.44 -4.54 18.38
C ARG A 194 -10.19 -5.51 17.47
N VAL A 195 -10.90 -4.99 16.46
CA VAL A 195 -11.74 -5.86 15.64
C VAL A 195 -10.94 -6.57 14.56
N LEU A 196 -10.05 -5.86 13.86
CA LEU A 196 -9.31 -6.45 12.75
C LEU A 196 -7.85 -6.76 13.08
N GLY A 197 -7.32 -6.24 14.17
CA GLY A 197 -6.03 -6.66 14.65
C GLY A 197 -5.82 -8.16 14.72
N PRO A 198 -6.75 -8.94 15.29
CA PRO A 198 -6.52 -10.39 15.37
C PRO A 198 -6.51 -11.08 14.01
N LEU A 199 -6.98 -10.44 12.96
CA LEU A 199 -7.05 -11.07 11.66
C LEU A 199 -5.88 -10.73 10.73
N ALA A 200 -4.99 -9.80 11.14
CA ALA A 200 -3.99 -9.21 10.26
C ALA A 200 -2.57 -9.57 10.68
N ASP A 201 -1.67 -9.64 9.70
CA ASP A 201 -0.26 -9.79 10.04
C ASP A 201 0.37 -8.43 10.37
N TYR A 202 -0.14 -7.36 9.77
CA TYR A 202 0.24 -6.01 10.16
C TYR A 202 -0.97 -5.11 9.96
N LEU A 203 -1.03 -4.09 10.80
CA LEU A 203 -2.03 -3.03 10.76
C LEU A 203 -1.34 -1.76 10.30
N VAL A 204 -2.10 -0.88 9.64
CA VAL A 204 -1.58 0.38 9.12
C VAL A 204 -2.45 1.50 9.65
N VAL A 205 -1.87 2.42 10.40
CA VAL A 205 -2.57 3.62 10.83
C VAL A 205 -2.35 4.65 9.73
N ASN A 206 -3.40 4.88 8.97
CA ASN A 206 -3.33 5.75 7.83
C ASN A 206 -3.70 7.16 8.30
N VAL A 207 -2.68 7.98 8.53
CA VAL A 207 -2.81 9.37 8.97
C VAL A 207 -2.47 10.35 7.84
N SER A 208 -2.70 9.92 6.58
CA SER A 208 -2.16 10.61 5.42
C SER A 208 -3.14 10.74 4.26
N SER A 209 -4.41 10.41 4.45
CA SER A 209 -5.37 10.50 3.35
C SER A 209 -5.73 11.95 3.08
N PRO A 210 -5.60 12.42 1.83
CA PRO A 210 -5.92 13.82 1.52
C PRO A 210 -7.42 14.13 1.56
N ASN A 211 -8.27 13.11 1.65
CA ASN A 211 -9.70 13.21 1.32
C ASN A 211 -10.59 13.12 2.56
N THR A 212 -10.05 13.38 3.75
CA THR A 212 -10.86 13.47 4.96
C THR A 212 -10.40 14.70 5.72
N ALA A 213 -11.36 15.52 6.13
CA ALA A 213 -11.07 16.76 6.85
C ALA A 213 -10.41 16.43 8.19
N GLY A 214 -9.12 16.77 8.31
CA GLY A 214 -8.38 16.70 9.57
C GLY A 214 -7.38 15.56 9.66
N LEU A 215 -7.41 14.61 8.73
CA LEU A 215 -6.71 13.34 8.89
C LEU A 215 -5.21 13.47 8.64
N ARG A 216 -4.81 14.09 7.53
CA ARG A 216 -3.38 14.33 7.28
C ARG A 216 -2.72 15.09 8.42
N SER A 217 -3.49 15.97 9.09
CA SER A 217 -3.01 16.81 10.18
C SER A 217 -3.11 16.05 11.50
N LEU A 218 -2.94 14.72 11.44
CA LEU A 218 -2.82 13.85 12.60
C LEU A 218 -1.35 13.64 12.98
N GLN A 219 -0.51 14.71 12.84
CA GLN A 219 0.91 14.72 13.27
C GLN A 219 1.20 16.06 13.96
N GLY A 220 0.70 16.23 15.19
CA GLY A 220 0.99 17.44 16.02
C GLY A 220 2.01 17.04 17.07
N LYS A 221 3.09 16.37 16.65
CA LYS A 221 4.07 15.77 17.54
C LYS A 221 3.33 15.09 18.68
N ALA A 222 3.01 15.83 19.75
CA ALA A 222 2.38 15.18 20.91
C ALA A 222 0.99 14.67 20.57
N GLU A 223 0.33 15.26 19.57
CA GLU A 223 -0.91 14.69 19.05
C GLU A 223 -0.66 13.30 18.48
N LEU A 224 0.25 13.18 17.50
CA LEU A 224 0.60 11.90 16.91
C LEU A 224 1.12 10.91 17.95
N ARG A 225 1.89 11.39 18.93
CA ARG A 225 2.41 10.54 19.99
C ARG A 225 1.28 9.97 20.82
N ARG A 226 0.25 10.78 21.09
CA ARG A 226 -0.86 10.30 21.90
C ARG A 226 -1.70 9.31 21.13
N LEU A 227 -1.97 9.61 19.85
CA LEU A 227 -2.73 8.68 19.02
C LEU A 227 -2.02 7.32 18.95
N LEU A 228 -0.71 7.34 18.63
CA LEU A 228 0.03 6.10 18.45
C LEU A 228 0.27 5.36 19.77
N THR A 229 0.26 6.05 20.90
CA THR A 229 0.35 5.35 22.17
C THR A 229 -0.89 4.50 22.42
N LYS A 230 -2.06 5.07 22.15
CA LYS A 230 -3.30 4.32 22.34
C LYS A 230 -3.40 3.16 21.36
N VAL A 231 -2.88 3.33 20.13
CA VAL A 231 -2.89 2.22 19.17
C VAL A 231 -2.00 1.07 19.65
N LEU A 232 -0.75 1.38 20.00
CA LEU A 232 0.17 0.31 20.40
C LEU A 232 -0.25 -0.35 21.72
N GLN A 233 -0.97 0.37 22.57
CA GLN A 233 -1.37 -0.22 23.83
C GLN A 233 -2.53 -1.17 23.60
N GLU A 234 -3.45 -0.77 22.74
CA GLU A 234 -4.52 -1.65 22.28
C GLU A 234 -3.97 -2.90 21.61
N ARG A 235 -3.04 -2.70 20.66
CA ARG A 235 -2.39 -3.84 19.99
C ARG A 235 -1.77 -4.83 21.00
N ASP A 236 -1.04 -4.31 22.01
CA ASP A 236 -0.42 -5.21 22.99
C ASP A 236 -1.45 -5.95 23.84
N GLY A 237 -2.70 -5.53 23.85
CA GLY A 237 -3.69 -6.26 24.62
C GLY A 237 -4.22 -7.49 23.92
N LEU A 238 -3.78 -7.77 22.69
CA LEU A 238 -4.26 -8.93 21.95
C LEU A 238 -3.40 -10.15 22.28
N ARG A 239 -4.01 -11.33 22.17
CA ARG A 239 -3.31 -12.57 22.49
C ARG A 239 -2.14 -12.77 21.53
N ARG A 240 -1.09 -13.46 22.01
CA ARG A 240 0.21 -13.43 21.36
C ARG A 240 0.10 -13.78 19.89
N VAL A 241 -0.70 -14.79 19.54
CA VAL A 241 -0.72 -15.22 18.13
C VAL A 241 -1.63 -14.34 17.29
N HIS A 242 -2.27 -13.34 17.87
CA HIS A 242 -3.11 -12.41 17.11
C HIS A 242 -2.64 -10.96 17.28
N ARG A 243 -1.34 -10.77 17.53
CA ARG A 243 -0.72 -9.47 17.71
C ARG A 243 -0.06 -9.06 16.39
N PRO A 244 -0.64 -8.17 15.60
CA PRO A 244 -0.01 -7.77 14.33
C PRO A 244 1.14 -6.81 14.60
N ALA A 245 1.90 -6.52 13.55
CA ALA A 245 2.76 -5.34 13.59
C ALA A 245 1.96 -4.07 13.20
N VAL A 246 2.45 -2.91 13.66
CA VAL A 246 1.75 -1.64 13.47
C VAL A 246 2.65 -0.74 12.66
N LEU A 247 2.14 -0.25 11.54
CA LEU A 247 2.85 0.67 10.67
C LEU A 247 2.13 2.01 10.63
N VAL A 248 2.85 3.06 10.30
CA VAL A 248 2.24 4.35 9.99
C VAL A 248 2.40 4.60 8.49
N LYS A 249 1.39 5.17 7.87
CA LYS A 249 1.43 5.52 6.46
C LYS A 249 1.33 7.03 6.36
N ILE A 250 2.32 7.63 5.68
CA ILE A 250 2.51 9.07 5.70
C ILE A 250 2.32 9.63 4.30
N ALA A 251 2.11 10.98 4.25
CA ALA A 251 1.96 11.65 2.97
C ALA A 251 3.33 12.08 2.41
N PRO A 252 3.44 12.23 1.10
CA PRO A 252 4.67 12.77 0.51
C PRO A 252 4.75 14.28 0.56
N ASP A 253 3.80 14.92 1.24
CA ASP A 253 3.64 16.37 1.25
C ASP A 253 4.08 16.98 2.56
N LEU A 254 4.97 16.31 3.29
CA LEU A 254 5.25 16.72 4.65
C LEU A 254 6.37 17.75 4.67
N THR A 255 6.30 18.69 5.60
CA THR A 255 7.44 19.58 5.78
C THR A 255 8.61 18.82 6.35
N SER A 256 9.74 19.49 6.41
CA SER A 256 10.90 18.85 7.01
C SER A 256 10.70 18.69 8.52
N GLN A 257 10.01 19.65 9.13
CA GLN A 257 9.65 19.56 10.55
C GLN A 257 8.81 18.32 10.82
N ASP A 258 7.81 18.06 9.96
CA ASP A 258 6.92 16.94 10.18
C ASP A 258 7.66 15.62 10.10
N LYS A 259 8.55 15.47 9.12
CA LYS A 259 9.29 14.22 9.00
C LYS A 259 10.22 14.01 10.20
N GLU A 260 10.90 15.07 10.63
CA GLU A 260 11.76 14.93 11.81
C GLU A 260 10.95 14.43 13.00
N ASP A 261 9.73 14.97 13.16
CA ASP A 261 8.89 14.63 14.30
C ASP A 261 8.33 13.21 14.19
N ILE A 262 7.84 12.83 12.99
CA ILE A 262 7.44 11.45 12.75
C ILE A 262 8.58 10.49 13.09
N ALA A 263 9.77 10.75 12.55
CA ALA A 263 10.92 9.90 12.87
C ALA A 263 11.12 9.78 14.37
N SER A 264 10.96 10.89 15.10
CA SER A 264 11.20 10.90 16.53
C SER A 264 10.19 10.03 17.28
N VAL A 265 8.90 10.27 17.03
CA VAL A 265 7.84 9.52 17.69
C VAL A 265 7.93 8.03 17.33
N VAL A 266 8.23 7.72 16.08
CA VAL A 266 8.27 6.33 15.66
C VAL A 266 9.31 5.56 16.48
N LYS A 267 10.48 6.18 16.70
CA LYS A 267 11.51 5.52 17.49
C LYS A 267 11.23 5.58 18.98
N GLU A 268 10.67 6.69 19.47
CA GLU A 268 10.27 6.74 20.86
C GLU A 268 9.28 5.62 21.19
N LEU A 269 8.22 5.46 20.41
CA LEU A 269 7.15 4.53 20.74
C LEU A 269 7.41 3.09 20.28
N GLY A 270 8.46 2.82 19.51
CA GLY A 270 8.65 1.46 19.02
C GLY A 270 7.71 1.04 17.90
N ILE A 271 7.24 2.00 17.07
CA ILE A 271 6.44 1.66 15.90
C ILE A 271 7.23 0.71 15.01
N ASP A 272 6.53 -0.30 14.46
CA ASP A 272 7.16 -1.42 13.77
C ASP A 272 7.58 -1.10 12.35
N GLY A 273 6.93 -0.15 11.68
CA GLY A 273 7.43 0.30 10.38
C GLY A 273 6.63 1.45 9.80
N LEU A 274 7.11 1.92 8.64
CA LEU A 274 6.53 3.04 7.92
C LEU A 274 6.10 2.62 6.52
N ILE A 275 4.92 3.05 6.07
CA ILE A 275 4.53 2.96 4.67
C ILE A 275 4.63 4.34 4.05
N VAL A 276 5.42 4.44 2.98
CA VAL A 276 5.91 5.69 2.41
C VAL A 276 5.75 5.55 0.89
N THR A 277 4.64 6.06 0.33
CA THR A 277 3.86 7.24 0.82
C THR A 277 2.48 7.26 0.15
N ASN A 278 1.48 7.86 0.79
CA ASN A 278 0.16 8.01 0.22
C ASN A 278 0.20 8.99 -0.97
N THR A 279 -0.92 9.13 -1.68
CA THR A 279 -0.99 10.10 -2.76
C THR A 279 -0.66 11.53 -2.33
N THR A 280 -0.37 12.38 -3.31
CA THR A 280 -0.04 13.78 -3.05
C THR A 280 -1.18 14.73 -3.42
N VAL A 281 -1.38 15.76 -2.58
CA VAL A 281 -2.25 16.88 -2.93
C VAL A 281 -1.51 17.96 -3.72
N SER A 282 -0.24 17.75 -4.02
CA SER A 282 0.49 18.67 -4.87
C SER A 282 0.19 18.36 -6.33
N ARG A 283 0.57 19.29 -7.21
CA ARG A 283 0.42 19.05 -8.64
C ARG A 283 1.74 19.45 -9.29
N PRO A 284 2.64 18.50 -9.54
CA PRO A 284 3.95 18.84 -10.08
C PRO A 284 3.83 19.56 -11.40
N ALA A 285 4.82 20.39 -11.71
CA ALA A 285 4.84 21.05 -13.01
C ALA A 285 4.88 19.99 -14.08
N GLY A 286 4.24 20.28 -15.21
CA GLY A 286 4.34 19.43 -16.38
C GLY A 286 3.16 18.51 -16.58
N LEU A 287 2.31 18.31 -15.55
CA LEU A 287 1.11 17.48 -15.73
C LEU A 287 0.37 17.90 -16.98
N GLN A 288 0.00 16.92 -17.81
CA GLN A 288 -0.66 17.25 -19.07
C GLN A 288 -2.13 16.89 -19.11
N GLY A 289 -2.58 15.94 -18.29
CA GLY A 289 -3.97 15.53 -18.31
C GLY A 289 -4.94 16.69 -18.14
N ALA A 290 -6.02 16.66 -18.92
CA ALA A 290 -7.06 17.67 -18.78
C ALA A 290 -7.63 17.71 -17.37
N LEU A 291 -7.62 16.58 -16.66
CA LEU A 291 -8.28 16.48 -15.37
C LEU A 291 -7.34 16.85 -14.22
N ARG A 292 -6.15 17.37 -14.53
CA ARG A 292 -5.11 17.61 -13.52
C ARG A 292 -5.55 18.54 -12.39
N SER A 293 -6.57 19.36 -12.58
CA SER A 293 -6.97 20.31 -11.55
C SER A 293 -8.16 19.82 -10.74
N GLU A 294 -8.55 18.58 -10.95
CA GLU A 294 -9.49 17.89 -10.07
C GLU A 294 -8.94 17.84 -8.65
N THR A 295 -9.84 17.85 -7.68
CA THR A 295 -9.44 17.84 -6.31
C THR A 295 -9.24 16.40 -5.88
N GLY A 296 -8.18 16.15 -5.10
CA GLY A 296 -7.93 14.79 -4.66
C GLY A 296 -6.45 14.50 -4.62
N GLY A 297 -6.14 13.23 -4.40
CA GLY A 297 -4.76 12.77 -4.31
C GLY A 297 -4.30 12.24 -5.65
N LEU A 298 -3.10 12.65 -6.04
CA LEU A 298 -2.50 12.23 -7.31
C LEU A 298 -1.60 11.03 -7.05
N SER A 299 -1.72 10.01 -7.89
CA SER A 299 -0.90 8.82 -7.80
C SER A 299 -0.25 8.56 -9.16
N GLY A 300 0.73 7.66 -9.17
CA GLY A 300 1.35 7.21 -10.39
C GLY A 300 2.69 7.87 -10.61
N LYS A 301 3.05 8.05 -11.88
CA LYS A 301 4.39 8.51 -12.20
C LYS A 301 4.72 9.90 -11.66
N PRO A 302 3.84 10.91 -11.74
CA PRO A 302 4.16 12.18 -11.06
C PRO A 302 4.49 12.00 -9.58
N LEU A 303 4.10 10.88 -8.94
CA LEU A 303 4.43 10.67 -7.54
C LEU A 303 5.75 9.93 -7.33
N ARG A 304 6.32 9.31 -8.37
CA ARG A 304 7.35 8.31 -8.15
C ARG A 304 8.51 8.85 -7.33
N ASP A 305 9.19 9.87 -7.84
CA ASP A 305 10.43 10.37 -7.19
C ASP A 305 10.13 11.12 -5.90
N LEU A 306 9.01 11.83 -5.86
CA LEU A 306 8.60 12.45 -4.61
C LEU A 306 8.41 11.40 -3.53
N SER A 307 7.93 10.22 -3.95
CA SER A 307 7.86 9.03 -3.10
C SER A 307 9.24 8.51 -2.73
N THR A 308 10.11 8.28 -3.72
CA THR A 308 11.44 7.73 -3.46
C THR A 308 12.25 8.64 -2.54
N GLN A 309 12.06 9.95 -2.65
CA GLN A 309 12.82 10.87 -1.82
C GLN A 309 12.34 10.85 -0.37
N THR A 310 11.07 10.52 -0.14
CA THR A 310 10.55 10.44 1.23
C THR A 310 10.98 9.14 1.90
N ILE A 311 11.06 8.05 1.14
CA ILE A 311 11.70 6.85 1.66
C ILE A 311 13.09 7.22 2.16
N ARG A 312 13.82 7.99 1.34
CA ARG A 312 15.22 8.27 1.59
C ARG A 312 15.42 9.09 2.87
N GLU A 313 14.67 10.18 3.04
CA GLU A 313 14.78 10.91 4.28
C GLU A 313 14.37 10.05 5.46
N MET A 314 13.25 9.31 5.33
CA MET A 314 12.74 8.58 6.50
C MET A 314 13.74 7.50 6.92
N TYR A 315 14.36 6.84 5.96
CA TYR A 315 15.36 5.82 6.27
C TYR A 315 16.52 6.42 7.04
N ALA A 316 17.02 7.57 6.58
CA ALA A 316 18.14 8.23 7.23
C ALA A 316 17.77 8.68 8.64
N LEU A 317 16.64 9.38 8.77
CA LEU A 317 16.14 9.83 10.07
C LEU A 317 15.96 8.67 11.07
N THR A 318 15.64 7.45 10.61
CA THR A 318 15.48 6.31 11.50
C THR A 318 16.71 5.39 11.47
N GLN A 319 17.86 5.89 11.04
CA GLN A 319 19.10 5.10 11.00
C GLN A 319 18.92 3.74 10.37
N GLY A 320 18.05 3.65 9.36
CA GLY A 320 17.79 2.36 8.74
C GLY A 320 17.29 1.28 9.68
N ARG A 321 16.70 1.66 10.84
CA ARG A 321 16.27 0.71 11.86
C ARG A 321 14.77 0.44 11.84
N VAL A 322 13.98 1.21 11.10
CA VAL A 322 12.54 1.07 11.02
C VAL A 322 12.19 0.57 9.62
N PRO A 323 11.70 -0.66 9.45
CA PRO A 323 11.34 -1.13 8.09
C PRO A 323 10.42 -0.15 7.35
N ILE A 324 10.60 -0.05 6.03
CA ILE A 324 9.79 0.82 5.19
C ILE A 324 9.25 0.05 4.00
N ILE A 325 7.93 0.13 3.80
CA ILE A 325 7.27 -0.30 2.57
C ILE A 325 7.15 0.90 1.65
N GLY A 326 7.83 0.85 0.50
CA GLY A 326 7.81 1.96 -0.44
C GLY A 326 6.71 1.82 -1.47
N VAL A 327 6.06 2.94 -1.77
CA VAL A 327 4.93 2.94 -2.68
C VAL A 327 4.83 4.32 -3.33
N GLY A 328 4.59 4.32 -4.65
CA GLY A 328 4.48 5.55 -5.42
C GLY A 328 4.98 5.23 -6.82
N GLY A 329 4.13 5.37 -7.83
CA GLY A 329 4.54 5.17 -9.21
C GLY A 329 5.42 4.02 -9.63
N VAL A 330 5.35 2.88 -8.94
CA VAL A 330 6.18 1.74 -9.34
C VAL A 330 5.49 1.00 -10.49
N SER A 331 6.16 0.91 -11.64
CA SER A 331 5.68 0.06 -12.74
C SER A 331 6.74 -0.84 -13.33
N SER A 332 7.94 -0.87 -12.79
CA SER A 332 9.00 -1.67 -13.38
C SER A 332 9.97 -2.07 -12.29
N GLY A 333 10.85 -3.01 -12.63
CA GLY A 333 11.87 -3.39 -11.67
C GLY A 333 12.78 -2.24 -11.31
N GLN A 334 13.10 -1.37 -12.28
CA GLN A 334 13.94 -0.22 -11.96
C GLN A 334 13.28 0.64 -10.90
N ASP A 335 11.96 0.92 -11.05
CA ASP A 335 11.23 1.71 -10.06
C ASP A 335 11.25 1.02 -8.69
N ALA A 336 11.02 -0.29 -8.65
CA ALA A 336 11.02 -1.00 -7.38
C ALA A 336 12.40 -0.98 -6.75
N LEU A 337 13.44 -1.24 -7.56
CA LEU A 337 14.81 -1.28 -7.07
C LEU A 337 15.32 0.09 -6.62
N GLU A 338 14.86 1.18 -7.23
CA GLU A 338 15.30 2.48 -6.73
C GLU A 338 14.74 2.73 -5.34
N LYS A 339 13.51 2.27 -5.09
CA LYS A 339 12.90 2.44 -3.78
C LYS A 339 13.58 1.58 -2.73
N ILE A 340 13.90 0.33 -3.06
CA ILE A 340 14.62 -0.52 -2.12
C ILE A 340 15.99 0.07 -1.77
N ARG A 341 16.77 0.44 -2.78
CA ARG A 341 18.08 1.04 -2.52
C ARG A 341 17.92 2.35 -1.76
N ALA A 342 16.77 3.02 -1.91
CA ALA A 342 16.53 4.23 -1.14
C ALA A 342 16.04 3.95 0.27
N GLY A 343 15.91 2.67 0.66
CA GLY A 343 15.47 2.30 1.99
C GLY A 343 14.34 1.31 2.22
N ALA A 344 13.59 0.92 1.18
CA ALA A 344 12.39 0.10 1.37
C ALA A 344 12.75 -1.36 1.50
N SER A 345 12.16 -2.06 2.49
CA SER A 345 12.30 -3.51 2.46
C SER A 345 11.26 -4.16 1.56
N LEU A 346 10.16 -3.44 1.31
CA LEU A 346 9.05 -3.94 0.51
C LEU A 346 8.57 -2.78 -0.35
N VAL A 347 7.87 -3.11 -1.44
CA VAL A 347 7.22 -2.10 -2.25
C VAL A 347 5.80 -2.54 -2.53
N GLN A 348 4.96 -1.56 -2.84
CA GLN A 348 3.59 -1.75 -3.29
C GLN A 348 3.39 -1.01 -4.60
N LEU A 349 2.39 -1.45 -5.37
CA LEU A 349 1.92 -0.60 -6.46
C LEU A 349 0.40 -0.66 -6.49
N TYR A 350 -0.17 0.23 -7.32
CA TYR A 350 -1.60 0.29 -7.51
C TYR A 350 -1.85 0.89 -8.89
N THR A 351 -1.39 2.13 -9.11
CA THR A 351 -1.74 2.79 -10.36
C THR A 351 -1.27 1.99 -11.58
N ALA A 352 -0.06 1.42 -11.51
CA ALA A 352 0.45 0.68 -12.66
C ALA A 352 -0.47 -0.47 -13.04
N LEU A 353 -1.17 -1.07 -12.07
CA LEU A 353 -2.08 -2.17 -12.39
C LEU A 353 -3.27 -1.70 -13.22
N THR A 354 -3.71 -0.46 -13.07
CA THR A 354 -4.85 0.01 -13.82
C THR A 354 -4.52 0.36 -15.27
N PHE A 355 -3.23 0.51 -15.61
CA PHE A 355 -2.82 0.64 -17.03
C PHE A 355 -2.35 -0.67 -17.65
N TRP A 356 -1.64 -1.52 -16.89
CA TRP A 356 -1.06 -2.74 -17.42
C TRP A 356 -1.95 -3.96 -17.26
N GLY A 357 -2.80 -4.01 -16.24
CA GLY A 357 -3.53 -5.21 -15.91
C GLY A 357 -2.67 -6.15 -15.10
N PRO A 358 -3.25 -7.26 -14.65
CA PRO A 358 -2.53 -8.23 -13.79
C PRO A 358 -1.11 -8.55 -14.24
N PRO A 359 -0.81 -8.67 -15.56
CA PRO A 359 0.57 -9.03 -15.93
C PRO A 359 1.68 -8.14 -15.35
N VAL A 360 1.31 -6.99 -14.79
CA VAL A 360 2.32 -6.05 -14.33
C VAL A 360 3.07 -6.60 -13.12
N VAL A 361 2.42 -7.47 -12.34
CA VAL A 361 3.06 -8.07 -11.18
C VAL A 361 4.25 -8.91 -11.61
N GLY A 362 4.03 -9.82 -12.56
CA GLY A 362 5.13 -10.66 -13.01
C GLY A 362 6.21 -9.84 -13.67
N LYS A 363 5.80 -8.79 -14.39
CA LYS A 363 6.77 -7.95 -15.09
C LYS A 363 7.71 -7.25 -14.12
N VAL A 364 7.16 -6.63 -13.07
CA VAL A 364 8.01 -6.00 -12.06
C VAL A 364 8.90 -7.00 -11.36
N LYS A 365 8.39 -8.20 -11.06
CA LYS A 365 9.25 -9.14 -10.34
C LYS A 365 10.38 -9.62 -11.24
N ARG A 366 10.06 -10.00 -12.47
CA ARG A 366 11.08 -10.49 -13.39
C ARG A 366 12.18 -9.44 -13.59
N GLU A 367 11.80 -8.19 -13.76
CA GLU A 367 12.78 -7.12 -13.92
C GLU A 367 13.54 -6.84 -12.63
N LEU A 368 12.86 -6.91 -11.47
CA LEU A 368 13.56 -6.71 -10.22
C LEU A 368 14.69 -7.71 -10.08
N GLU A 369 14.42 -8.96 -10.37
CA GLU A 369 15.41 -10.01 -10.20
C GLU A 369 16.60 -9.82 -11.14
N ALA A 370 16.32 -9.52 -12.42
CA ALA A 370 17.40 -9.27 -13.38
C ALA A 370 18.31 -8.12 -12.93
N LEU A 371 17.74 -7.00 -12.47
CA LEU A 371 18.56 -5.86 -12.04
C LEU A 371 19.39 -6.20 -10.80
N LEU A 372 18.80 -6.92 -9.84
CA LEU A 372 19.56 -7.35 -8.68
C LEU A 372 20.81 -8.11 -9.10
N LYS A 373 20.70 -8.95 -10.12
CA LYS A 373 21.85 -9.73 -10.55
C LYS A 373 22.87 -8.86 -11.26
N GLU A 374 22.44 -7.97 -12.16
CA GLU A 374 23.44 -7.15 -12.86
C GLU A 374 24.13 -6.19 -11.91
N GLN A 375 23.40 -5.65 -10.94
CA GLN A 375 24.02 -4.71 -10.03
C GLN A 375 24.84 -5.40 -8.96
N GLY A 376 24.88 -6.75 -8.95
CA GLY A 376 25.73 -7.49 -8.07
C GLY A 376 25.16 -7.79 -6.72
N PHE A 377 23.85 -7.72 -6.57
CA PHE A 377 23.23 -8.00 -5.29
C PHE A 377 22.98 -9.48 -5.15
N GLY A 378 23.15 -10.00 -3.94
CA GLY A 378 22.83 -11.39 -3.71
C GLY A 378 21.32 -11.62 -3.68
N GLY A 379 20.58 -10.67 -3.12
CA GLY A 379 19.14 -10.71 -3.22
C GLY A 379 18.57 -9.37 -2.81
N VAL A 380 17.24 -9.33 -2.64
CA VAL A 380 16.60 -8.10 -2.21
C VAL A 380 17.21 -7.60 -0.90
N THR A 381 17.47 -8.51 0.04
CA THR A 381 17.90 -8.05 1.37
C THR A 381 19.23 -7.34 1.30
N ASP A 382 20.13 -7.81 0.44
CA ASP A 382 21.42 -7.14 0.35
CA ASP A 382 21.43 -7.17 0.25
C ASP A 382 21.27 -5.72 -0.17
N ALA A 383 20.19 -5.41 -0.88
CA ALA A 383 20.05 -4.13 -1.57
C ALA A 383 19.28 -3.10 -0.78
N ILE A 384 18.66 -3.47 0.35
CA ILE A 384 17.89 -2.52 1.15
C ILE A 384 18.82 -1.45 1.68
N GLY A 385 18.52 -0.19 1.37
CA GLY A 385 19.34 0.92 1.81
C GLY A 385 20.72 1.03 1.18
N ALA A 386 20.95 0.37 0.04
CA ALA A 386 22.30 0.30 -0.51
C ALA A 386 22.85 1.67 -0.87
N ASP A 387 21.98 2.60 -1.28
CA ASP A 387 22.40 3.94 -1.70
C ASP A 387 22.97 4.76 -0.55
N HIS A 388 22.64 4.42 0.69
CA HIS A 388 23.12 5.19 1.83
C HIS A 388 24.52 4.79 2.25
N ARG A 389 25.15 3.85 1.53
CA ARG A 389 26.47 3.33 1.85
C ARG A 389 27.48 3.55 0.70
N ARG A 390 27.16 4.46 -0.23
CA ARG A 390 27.97 4.74 -1.44
C ARG A 390 28.59 6.14 -1.43
N1 ORO B . -7.60 8.23 -1.26
C2 ORO B . -6.24 8.26 -1.27
O2 ORO B . -5.58 8.63 -2.24
N3 ORO B . -5.64 7.86 -0.10
C4 ORO B . -6.30 7.44 1.04
O4 ORO B . -5.62 7.11 2.03
C5 ORO B . -7.71 7.43 0.98
C6 ORO B . -8.33 7.83 -0.16
C7 ORO B . -9.80 7.89 -0.30
O71 ORO B . -10.32 8.82 -0.91
O72 ORO B . -10.47 6.91 0.27
N1 FMN C . -4.20 4.55 0.38
C2 FMN C . -4.60 4.23 1.64
O2 FMN C . -3.78 4.22 2.57
N3 FMN C . -5.94 3.92 1.86
C4 FMN C . -6.85 3.92 0.82
O4 FMN C . -8.03 3.60 1.03
C4A FMN C . -6.41 4.27 -0.48
N5 FMN C . -7.29 4.29 -1.55
C5A FMN C . -6.86 4.60 -2.82
C6 FMN C . -7.74 4.60 -3.90
C7 FMN C . -7.30 4.93 -5.17
C7M FMN C . -8.23 4.94 -6.34
C8 FMN C . -5.96 5.24 -5.36
C8M FMN C . -5.43 5.59 -6.72
C9 FMN C . -5.08 5.24 -4.29
C9A FMN C . -5.52 4.91 -3.02
N10 FMN C . -4.63 4.89 -1.94
C10 FMN C . -5.08 4.57 -0.68
C1' FMN C . -3.19 5.26 -2.12
C2' FMN C . -2.38 4.05 -2.53
O2' FMN C . -2.46 3.09 -1.52
C3' FMN C . -0.90 4.41 -2.66
O3' FMN C . -0.36 4.86 -1.46
C4' FMN C . -0.54 5.27 -3.88
O4' FMN C . -1.66 5.56 -4.70
C5' FMN C . 0.15 4.19 -4.64
O5' FMN C . 1.18 4.63 -5.42
P FMN C . 0.81 4.20 -6.92
O1P FMN C . 1.37 5.38 -7.74
O2P FMN C . -0.68 4.13 -7.03
O3P FMN C . 1.36 2.82 -7.22
O1 P6G D . 7.36 12.78 -12.88
C2 P6G D . 7.96 12.32 -14.07
C3 P6G D . 7.03 11.49 -14.87
O4 P6G D . 7.77 10.61 -15.72
C5 P6G D . 7.48 9.23 -15.47
C6 P6G D . 7.05 8.58 -16.73
O7 P6G D . 5.71 8.94 -17.04
C8 P6G D . 5.03 7.96 -17.83
C9 P6G D . 4.19 8.66 -18.84
O10 P6G D . 2.86 8.16 -18.77
C11 P6G D . 2.46 7.46 -19.96
C12 P6G D . 2.40 5.99 -19.67
O13 P6G D . 1.15 5.48 -20.14
C14 P6G D . 0.44 4.77 -19.14
C15 P6G D . 0.07 3.42 -19.65
O16 P6G D . 1.08 2.49 -19.34
C17 P6G D . 1.87 2.12 -20.47
C18 P6G D . 1.51 0.75 -20.91
O19 P6G D . 2.19 0.38 -22.09
N1 A1H8I E . -9.14 -1.04 -14.20
C2 A1H8I E . -9.89 -11.18 -18.34
O2 A1H8I E . -9.01 -1.06 -11.95
N3 A1H8I E . -8.88 3.13 -12.26
C4 A1H8I E . -8.77 -8.76 -15.96
C5 A1H8I E . -8.51 -9.50 -14.82
C6 A1H8I E . -8.33 -8.87 -13.61
C1 A1H8I E . -10.39 -12.60 -18.22
C10 A1H8I E . -9.73 -4.52 -15.17
C11 A1H8I E . -9.84 -3.16 -15.05
C12 A1H8I E . -8.99 -2.43 -14.25
C13 A1H8I E . -9.07 -0.43 -13.00
C14 A1H8I E . -9.01 1.05 -12.99
C15 A1H8I E . -9.00 1.94 -14.07
C16 A1H8I E . -8.78 4.20 -11.41
C17 A1H8I E . -8.75 3.96 -10.08
C18 A1H8I E . -8.81 2.63 -9.58
C19 A1H8I E . -8.90 1.57 -10.43
C20 A1H8I E . -8.94 1.82 -11.82
C21 A1H8I E . -7.95 -3.12 -13.66
C22 A1H8I E . -7.81 -4.48 -13.79
C23 A1H8I E . -8.83 -7.37 -15.88
C3 A1H8I E . -8.91 -10.83 -17.24
C7 A1H8I E . -8.35 -7.49 -13.54
C8 A1H8I E . -8.63 -6.72 -14.66
C9 A1H8I E . -8.71 -5.24 -14.53
F1 A1H8I E . -9.33 -11.05 -19.56
F2 A1H8I E . -10.94 -10.36 -18.26
F3 A1H8I E . -10.66 -5.17 -15.87
F4 A1H8I E . -10.89 -2.52 -15.62
F5 A1H8I E . -7.04 -2.44 -12.94
F6 A1H8I E . -6.78 -5.06 -13.16
N2 A1H8I E . -8.91 3.21 -13.62
O1 A1H8I E . -8.98 -9.41 -17.15
O3 A1H8I E . -9.06 1.68 -15.25
S SO4 F . -5.65 -18.58 20.41
O1 SO4 F . -4.29 -19.01 20.15
O2 SO4 F . -5.55 -17.21 20.93
O3 SO4 F . -6.45 -18.58 19.16
O4 SO4 F . -6.27 -19.44 21.43
#